data_4MUZ
#
_entry.id   4MUZ
#
_cell.length_a   54.933
_cell.length_b   58.480
_cell.length_c   56.914
_cell.angle_alpha   90.00
_cell.angle_beta   94.98
_cell.angle_gamma   90.00
#
_symmetry.space_group_name_H-M   'P 1 21 1'
#
loop_
_entity.id
_entity.type
_entity.pdbx_description
1 polymer "Orotidine 5'-phosphate decarboxylase"
2 non-polymer "6-HYDROXYURIDINE-5'-PHOSPHATE"
3 non-polymer GLYCEROL
4 water water
#
_entity_poly.entity_id   1
_entity_poly.type   'polypeptide(L)'
_entity_poly.pdbx_seq_one_letter_code
;MGSSHHHHHHSSGLVPRGSHMKQLILALDVMDGEKAMEIAKKVAEHVDRIKVNYPLVLSAGVGIMKRLSEIKPVIADFKI
ADVPYTSSLIARIAFENSAESVIVHGFVGSDTLREVCRVAEEFGGKVYAVTELSSPGGEEFMSAVSLKIVEKAKEAGCHG
LIAPSTRIERLREIRKAAGDMEILCPGIGAQKGSIEAVKYADGIIVGRGIYASGNPAEEARKLRRVLKI
;
_entity_poly.pdbx_strand_id   A,B
#
loop_
_chem_comp.id
_chem_comp.type
_chem_comp.name
_chem_comp.formula
BMP RNA linking 6-HYDROXYURIDINE-5'-PHOSPHATE 'C9 H13 N2 O10 P'
GOL non-polymer GLYCEROL 'C3 H8 O3'
#
# COMPACT_ATOMS: atom_id res chain seq x y z
N GLY A 18 -14.30 -16.96 19.52
CA GLY A 18 -15.73 -17.23 19.59
C GLY A 18 -16.03 -18.71 19.59
N SER A 19 -17.32 -19.06 19.65
CA SER A 19 -17.75 -20.45 19.66
C SER A 19 -17.94 -21.00 18.25
N HIS A 20 -18.00 -20.12 17.27
CA HIS A 20 -18.35 -20.50 15.90
C HIS A 20 -17.16 -21.01 15.10
N MET A 21 -17.46 -21.62 13.96
CA MET A 21 -16.42 -22.07 13.03
C MET A 21 -15.52 -20.93 12.58
N LYS A 22 -14.20 -21.17 12.61
CA LYS A 22 -13.21 -20.17 12.22
C LYS A 22 -12.48 -20.61 10.96
N GLN A 23 -11.86 -19.66 10.28
CA GLN A 23 -11.16 -19.94 9.03
C GLN A 23 -9.65 -19.98 9.17
N LEU A 24 -9.03 -20.80 8.33
CA LEU A 24 -7.59 -20.75 8.11
C LEU A 24 -7.39 -20.18 6.71
N ILE A 25 -6.63 -19.10 6.63
CA ILE A 25 -6.47 -18.35 5.40
C ILE A 25 -5.01 -18.41 4.99
N LEU A 26 -4.76 -18.90 3.79
CA LEU A 26 -3.42 -19.03 3.26
C LEU A 26 -2.92 -17.71 2.69
N ALA A 27 -1.83 -17.17 3.22
CA ALA A 27 -1.18 -16.00 2.62
C ALA A 27 -0.18 -16.53 1.61
N LEU A 28 -0.60 -16.50 0.35
CA LEU A 28 0.15 -17.14 -0.71
C LEU A 28 1.18 -16.17 -1.29
N ASP A 29 2.25 -15.96 -0.53
CA ASP A 29 3.27 -14.99 -0.88
C ASP A 29 4.45 -15.68 -1.55
N VAL A 30 4.18 -16.27 -2.71
CA VAL A 30 5.21 -16.80 -3.57
C VAL A 30 5.20 -15.92 -4.81
N MET A 31 6.17 -16.10 -5.69
CA MET A 31 6.31 -15.15 -6.79
C MET A 31 6.34 -15.82 -8.14
N ASP A 32 5.57 -16.89 -8.25
CA ASP A 32 5.34 -17.57 -9.52
C ASP A 32 3.89 -18.04 -9.51
N GLY A 33 3.17 -17.77 -10.59
CA GLY A 33 1.74 -18.10 -10.66
C GLY A 33 1.46 -19.59 -10.63
N GLU A 34 2.25 -20.36 -11.36
CA GLU A 34 2.05 -21.80 -11.38
C GLU A 34 2.38 -22.41 -10.03
N LYS A 35 3.46 -21.95 -9.41
CA LYS A 35 3.79 -22.36 -8.05
C LYS A 35 2.64 -22.05 -7.08
N ALA A 36 2.06 -20.86 -7.19
CA ALA A 36 0.91 -20.49 -6.36
C ALA A 36 -0.25 -21.46 -6.58
N MET A 37 -0.56 -21.75 -7.83
CA MET A 37 -1.67 -22.66 -8.14
C MET A 37 -1.42 -24.06 -7.59
N GLU A 38 -0.20 -24.55 -7.68
CA GLU A 38 0.14 -25.87 -7.14
C GLU A 38 -0.08 -25.91 -5.64
N ILE A 39 0.42 -24.90 -4.93
CA ILE A 39 0.27 -24.83 -3.48
C ILE A 39 -1.19 -24.72 -3.09
N ALA A 40 -1.92 -23.82 -3.75
CA ALA A 40 -3.34 -23.63 -3.47
C ALA A 40 -4.11 -24.93 -3.60
N LYS A 41 -3.89 -25.64 -4.71
CA LYS A 41 -4.58 -26.91 -4.91
C LYS A 41 -4.22 -27.95 -3.84
N LYS A 42 -2.95 -28.00 -3.48
CA LYS A 42 -2.46 -28.99 -2.51
C LYS A 42 -3.08 -28.79 -1.14
N VAL A 43 -3.23 -27.54 -0.73
CA VAL A 43 -3.71 -27.25 0.62
C VAL A 43 -5.21 -26.97 0.69
N ALA A 44 -5.89 -27.03 -0.45
CA ALA A 44 -7.31 -26.61 -0.53
C ALA A 44 -8.22 -27.27 0.50
N GLU A 45 -7.98 -28.54 0.80
CA GLU A 45 -8.79 -29.30 1.76
C GLU A 45 -8.74 -28.67 3.16
N HIS A 46 -7.68 -27.90 3.42
CA HIS A 46 -7.40 -27.42 4.77
C HIS A 46 -7.56 -25.92 4.96
N VAL A 47 -7.81 -25.19 3.87
CA VAL A 47 -7.88 -23.74 3.96
C VAL A 47 -9.19 -23.23 3.39
N ASP A 48 -9.64 -22.10 3.91
CA ASP A 48 -10.95 -21.55 3.56
C ASP A 48 -10.92 -20.43 2.53
N ARG A 49 -9.84 -19.65 2.52
CA ARG A 49 -9.67 -18.55 1.59
C ARG A 49 -8.18 -18.41 1.31
N ILE A 50 -7.87 -17.74 0.22
CA ILE A 50 -6.49 -17.49 -0.17
C ILE A 50 -6.28 -15.98 -0.20
N LYS A 51 -5.32 -15.51 0.57
CA LYS A 51 -4.95 -14.09 0.55
C LYS A 51 -3.79 -13.85 -0.40
N VAL A 52 -3.96 -12.91 -1.33
N VAL A 52 -3.96 -12.99 -1.37
CA VAL A 52 -2.97 -12.61 -2.35
CA VAL A 52 -2.83 -12.67 -2.24
C VAL A 52 -2.46 -11.17 -2.22
C VAL A 52 -2.41 -11.24 -1.97
N ASN A 53 -1.13 -11.00 -2.18
CA ASN A 53 -0.53 -9.67 -1.94
C ASN A 53 0.26 -9.30 -3.19
N TYR A 54 0.91 -8.15 -3.15
CA TYR A 54 1.60 -7.66 -4.32
C TYR A 54 2.79 -8.50 -4.82
N PRO A 55 3.55 -9.19 -3.93
CA PRO A 55 4.62 -10.01 -4.51
C PRO A 55 4.10 -11.02 -5.54
N LEU A 56 2.98 -11.68 -5.26
CA LEU A 56 2.42 -12.61 -6.25
C LEU A 56 1.75 -11.89 -7.43
N VAL A 57 0.94 -10.89 -7.16
CA VAL A 57 0.24 -10.19 -8.24
C VAL A 57 1.20 -9.47 -9.19
N LEU A 58 2.24 -8.83 -8.65
CA LEU A 58 3.25 -8.21 -9.51
C LEU A 58 4.04 -9.23 -10.33
N SER A 59 4.26 -10.41 -9.76
CA SER A 59 5.07 -11.43 -10.42
C SER A 59 4.29 -12.18 -11.49
N ALA A 60 3.03 -12.48 -11.18
CA ALA A 60 2.22 -13.36 -12.02
C ALA A 60 1.16 -12.63 -12.83
N GLY A 61 0.93 -11.36 -12.51
CA GLY A 61 -0.15 -10.60 -13.13
C GLY A 61 -1.39 -10.64 -12.27
N VAL A 62 -2.22 -9.61 -12.35
CA VAL A 62 -3.41 -9.52 -11.52
C VAL A 62 -4.40 -10.65 -11.85
N GLY A 63 -4.28 -11.21 -13.05
CA GLY A 63 -5.15 -12.29 -13.48
C GLY A 63 -4.99 -13.57 -12.67
N ILE A 64 -3.90 -13.66 -11.90
CA ILE A 64 -3.71 -14.85 -11.06
C ILE A 64 -4.83 -14.98 -10.03
N MET A 65 -5.49 -13.86 -9.69
CA MET A 65 -6.57 -13.91 -8.72
C MET A 65 -7.78 -14.66 -9.27
N LYS A 66 -8.07 -14.48 -10.56
CA LYS A 66 -9.17 -15.21 -11.16
C LYS A 66 -8.86 -16.71 -11.15
N ARG A 67 -7.63 -17.07 -11.49
CA ARG A 67 -7.27 -18.48 -11.48
C ARG A 67 -7.39 -19.08 -10.08
N LEU A 68 -6.87 -18.38 -9.08
CA LEU A 68 -6.91 -18.86 -7.70
C LEU A 68 -8.34 -18.92 -7.17
N SER A 69 -9.20 -18.01 -7.62
CA SER A 69 -10.58 -17.95 -7.14
C SER A 69 -11.39 -19.20 -7.50
N GLU A 70 -10.93 -19.94 -8.49
CA GLU A 70 -11.56 -21.22 -8.81
C GLU A 70 -11.26 -22.30 -7.76
N ILE A 71 -10.28 -22.03 -6.90
N ILE A 71 -10.29 -22.02 -6.89
CA ILE A 71 -9.92 -22.96 -5.83
CA ILE A 71 -9.94 -22.97 -5.83
C ILE A 71 -10.58 -22.57 -4.52
C ILE A 71 -10.57 -22.57 -4.50
N LYS A 72 -10.37 -21.32 -4.10
CA LYS A 72 -10.98 -20.76 -2.89
C LYS A 72 -11.20 -19.27 -3.14
N PRO A 73 -12.11 -18.64 -2.39
CA PRO A 73 -12.25 -17.18 -2.56
C PRO A 73 -10.95 -16.46 -2.22
N VAL A 74 -10.72 -15.35 -2.93
CA VAL A 74 -9.46 -14.62 -2.87
C VAL A 74 -9.60 -13.25 -2.23
N ILE A 75 -8.80 -13.02 -1.21
CA ILE A 75 -8.68 -11.70 -0.59
C ILE A 75 -7.53 -10.95 -1.25
N ALA A 76 -7.82 -9.79 -1.83
CA ALA A 76 -6.77 -8.96 -2.45
C ALA A 76 -6.13 -8.09 -1.39
N ASP A 77 -5.01 -8.58 -0.86
CA ASP A 77 -4.31 -7.87 0.20
C ASP A 77 -3.39 -6.83 -0.43
N PHE A 78 -4.00 -5.71 -0.80
CA PHE A 78 -3.28 -4.66 -1.50
C PHE A 78 -2.91 -3.48 -0.58
N LYS A 79 -3.20 -3.60 0.73
CA LYS A 79 -2.82 -2.56 1.71
C LYS A 79 -3.12 -1.16 1.17
N ILE A 80 -4.35 -0.98 0.67
CA ILE A 80 -4.67 0.23 -0.07
C ILE A 80 -4.43 1.44 0.83
N ALA A 81 -3.59 2.36 0.36
CA ALA A 81 -3.06 3.39 1.24
C ALA A 81 -2.74 4.67 0.50
N ASP A 82 -3.72 5.14 -0.27
CA ASP A 82 -3.52 6.33 -1.08
C ASP A 82 -4.68 7.29 -0.92
N VAL A 83 -4.61 8.42 -1.60
CA VAL A 83 -5.75 9.33 -1.69
C VAL A 83 -6.95 8.61 -2.30
N PRO A 84 -8.16 9.14 -2.07
CA PRO A 84 -9.34 8.43 -2.58
C PRO A 84 -9.32 8.11 -4.09
N TYR A 85 -8.87 9.06 -4.90
CA TYR A 85 -8.87 8.88 -6.36
C TYR A 85 -8.12 7.61 -6.80
N THR A 86 -6.88 7.50 -6.36
N THR A 86 -6.86 7.49 -6.38
CA THR A 86 -6.07 6.35 -6.69
CA THR A 86 -6.10 6.30 -6.77
C THR A 86 -6.58 5.08 -6.02
C THR A 86 -6.50 5.04 -6.01
N SER A 87 -6.92 5.18 -4.74
CA SER A 87 -7.44 4.04 -3.98
C SER A 87 -8.67 3.43 -4.62
N SER A 88 -9.53 4.28 -5.15
CA SER A 88 -10.73 3.82 -5.84
C SER A 88 -10.37 2.93 -7.03
N LEU A 89 -9.39 3.37 -7.81
CA LEU A 89 -8.96 2.63 -8.99
C LEU A 89 -8.38 1.26 -8.63
N ILE A 90 -7.57 1.24 -7.58
CA ILE A 90 -6.95 -0.01 -7.15
C ILE A 90 -8.01 -1.00 -6.68
N ALA A 91 -8.95 -0.52 -5.87
CA ALA A 91 -10.02 -1.39 -5.40
C ALA A 91 -10.83 -1.96 -6.56
N ARG A 92 -11.16 -1.10 -7.52
CA ARG A 92 -11.93 -1.54 -8.69
C ARG A 92 -11.21 -2.63 -9.47
N ILE A 93 -9.91 -2.47 -9.68
CA ILE A 93 -9.14 -3.46 -10.40
C ILE A 93 -9.13 -4.79 -9.64
N ALA A 94 -9.02 -4.74 -8.32
CA ALA A 94 -9.05 -5.98 -7.54
C ALA A 94 -10.35 -6.74 -7.75
N PHE A 95 -11.47 -6.04 -7.66
CA PHE A 95 -12.77 -6.67 -7.82
C PHE A 95 -13.06 -7.10 -9.25
N GLU A 96 -12.55 -6.36 -10.25
CA GLU A 96 -12.71 -6.77 -11.64
C GLU A 96 -11.95 -8.07 -11.93
N ASN A 97 -10.97 -8.37 -11.07
CA ASN A 97 -10.15 -9.56 -11.20
C ASN A 97 -10.53 -10.66 -10.21
N SER A 98 -11.80 -10.63 -9.81
CA SER A 98 -12.45 -11.72 -9.07
C SER A 98 -12.15 -11.81 -7.59
N ALA A 99 -11.46 -10.83 -7.03
CA ALA A 99 -11.31 -10.80 -5.58
C ALA A 99 -12.67 -10.72 -4.88
N GLU A 100 -12.82 -11.46 -3.77
CA GLU A 100 -14.03 -11.38 -2.97
C GLU A 100 -13.97 -10.23 -1.97
N SER A 101 -12.77 -9.71 -1.75
CA SER A 101 -12.55 -8.68 -0.75
C SER A 101 -11.22 -8.00 -1.01
N VAL A 102 -11.05 -6.83 -0.38
CA VAL A 102 -9.80 -6.08 -0.44
C VAL A 102 -9.43 -5.61 0.95
N ILE A 103 -8.12 -5.36 1.14
CA ILE A 103 -7.60 -4.86 2.40
C ILE A 103 -7.12 -3.42 2.21
N VAL A 104 -7.54 -2.54 3.11
N VAL A 104 -7.54 -2.55 3.12
CA VAL A 104 -7.22 -1.12 3.04
CA VAL A 104 -7.18 -1.14 3.08
C VAL A 104 -6.66 -0.66 4.40
C VAL A 104 -6.54 -0.76 4.40
N HIS A 105 -5.72 0.28 4.39
CA HIS A 105 -5.22 0.87 5.64
C HIS A 105 -6.19 1.91 6.16
N GLY A 106 -6.65 1.72 7.39
CA GLY A 106 -7.43 2.75 8.06
C GLY A 106 -6.65 4.05 8.32
N PHE A 107 -5.34 3.91 8.46
N PHE A 107 -5.33 3.95 8.48
CA PHE A 107 -4.51 5.05 8.82
CA PHE A 107 -4.55 5.14 8.85
C PHE A 107 -4.58 6.20 7.83
C PHE A 107 -4.60 6.26 7.82
N VAL A 108 -4.89 5.94 6.56
CA VAL A 108 -4.91 7.00 5.54
C VAL A 108 -6.19 7.82 5.54
N GLY A 109 -7.17 7.41 6.32
CA GLY A 109 -8.34 8.25 6.57
C GLY A 109 -9.66 7.76 6.06
N SER A 110 -10.71 8.36 6.61
CA SER A 110 -12.09 7.96 6.35
C SER A 110 -12.55 8.16 4.93
N ASP A 111 -12.01 9.18 4.23
CA ASP A 111 -12.41 9.40 2.85
C ASP A 111 -12.01 8.22 1.94
N THR A 112 -10.78 7.72 2.12
CA THR A 112 -10.37 6.54 1.38
C THR A 112 -11.13 5.29 1.80
N LEU A 113 -11.38 5.14 3.11
CA LEU A 113 -12.18 4.01 3.57
C LEU A 113 -13.56 3.99 2.94
N ARG A 114 -14.24 5.14 2.96
CA ARG A 114 -15.58 5.25 2.39
C ARG A 114 -15.56 4.94 0.90
N GLU A 115 -14.55 5.43 0.19
CA GLU A 115 -14.53 5.23 -1.26
C GLU A 115 -14.28 3.78 -1.64
N VAL A 116 -13.37 3.12 -0.94
CA VAL A 116 -13.10 1.71 -1.18
C VAL A 116 -14.33 0.86 -0.85
N CYS A 117 -15.02 1.17 0.24
CA CYS A 117 -16.28 0.50 0.53
C CYS A 117 -17.34 0.72 -0.55
N ARG A 118 -17.38 1.93 -1.11
CA ARG A 118 -18.37 2.23 -2.13
C ARG A 118 -18.10 1.38 -3.37
N VAL A 119 -16.84 1.32 -3.78
CA VAL A 119 -16.47 0.47 -4.92
C VAL A 119 -16.82 -1.01 -4.63
N ALA A 120 -16.47 -1.49 -3.44
CA ALA A 120 -16.78 -2.86 -3.06
C ALA A 120 -18.27 -3.19 -3.20
N GLU A 121 -19.13 -2.25 -2.83
CA GLU A 121 -20.56 -2.54 -2.86
C GLU A 121 -21.03 -2.82 -4.29
N GLU A 122 -20.43 -2.13 -5.26
CA GLU A 122 -20.74 -2.36 -6.67
C GLU A 122 -20.57 -3.82 -7.05
N PHE A 123 -19.62 -4.49 -6.40
CA PHE A 123 -19.25 -5.87 -6.73
C PHE A 123 -19.74 -6.90 -5.72
N GLY A 124 -20.45 -6.47 -4.68
CA GLY A 124 -20.78 -7.37 -3.59
C GLY A 124 -19.56 -7.83 -2.80
N GLY A 125 -18.53 -7.00 -2.81
CA GLY A 125 -17.29 -7.37 -2.17
C GLY A 125 -17.21 -6.90 -0.73
N LYS A 126 -16.20 -7.38 -0.01
CA LYS A 126 -15.96 -6.97 1.37
C LYS A 126 -14.68 -6.15 1.49
N VAL A 127 -14.63 -5.30 2.52
CA VAL A 127 -13.44 -4.50 2.78
C VAL A 127 -12.98 -4.74 4.21
N TYR A 128 -11.70 -5.06 4.36
CA TYR A 128 -11.07 -5.20 5.66
C TYR A 128 -10.11 -4.05 5.90
N ALA A 129 -10.24 -3.39 7.04
CA ALA A 129 -9.33 -2.31 7.41
C ALA A 129 -8.23 -2.77 8.35
N VAL A 130 -6.99 -2.43 8.03
CA VAL A 130 -5.89 -2.74 8.92
C VAL A 130 -5.90 -1.81 10.11
N THR A 131 -5.82 -2.39 11.30
CA THR A 131 -5.78 -1.63 12.55
C THR A 131 -4.34 -1.26 12.90
N GLU A 132 -3.51 -2.28 13.11
CA GLU A 132 -2.10 -2.07 13.38
C GLU A 132 -1.34 -3.30 12.90
N LEU A 133 -0.22 -3.12 12.22
CA LEU A 133 0.56 -4.24 11.68
C LEU A 133 1.16 -5.08 12.79
N SER A 134 1.24 -6.38 12.51
CA SER A 134 1.76 -7.36 13.47
C SER A 134 3.27 -7.27 13.72
N SER A 135 3.99 -6.56 12.85
CA SER A 135 5.43 -6.36 12.99
C SER A 135 5.74 -5.36 14.10
N PRO A 136 6.97 -5.38 14.62
CA PRO A 136 7.34 -4.43 15.66
C PRO A 136 7.11 -2.97 15.24
N GLY A 137 7.31 -2.68 13.96
CA GLY A 137 7.12 -1.32 13.47
C GLY A 137 5.70 -0.82 13.65
N GLY A 138 4.74 -1.74 13.71
CA GLY A 138 3.34 -1.37 13.91
C GLY A 138 3.10 -0.68 15.24
N GLU A 139 3.98 -0.87 16.20
CA GLU A 139 3.86 -0.21 17.50
C GLU A 139 4.23 1.27 17.47
N GLU A 140 4.99 1.68 16.46
CA GLU A 140 5.53 3.03 16.45
C GLU A 140 4.48 4.13 16.28
N PHE A 141 3.55 3.91 15.35
CA PHE A 141 2.49 4.88 15.06
C PHE A 141 1.10 4.26 15.05
N MET A 142 0.98 3.04 14.57
CA MET A 142 -0.35 2.45 14.39
C MET A 142 -1.02 2.09 15.70
N SER A 143 -0.27 1.56 16.66
CA SER A 143 -0.87 1.13 17.91
C SER A 143 -1.65 2.23 18.62
N ALA A 144 -1.12 3.45 18.57
CA ALA A 144 -1.70 4.56 19.33
C ALA A 144 -3.06 4.98 18.78
N VAL A 145 -3.35 4.64 17.53
CA VAL A 145 -4.62 5.05 16.93
C VAL A 145 -5.47 3.87 16.46
N SER A 146 -5.01 2.66 16.77
CA SER A 146 -5.68 1.44 16.33
C SER A 146 -7.16 1.38 16.71
N LEU A 147 -7.47 1.74 17.95
CA LEU A 147 -8.87 1.71 18.39
C LEU A 147 -9.72 2.76 17.68
N LYS A 148 -9.14 3.92 17.39
CA LYS A 148 -9.85 4.93 16.63
C LYS A 148 -10.08 4.47 15.19
N ILE A 149 -9.12 3.76 14.62
CA ILE A 149 -9.29 3.16 13.29
C ILE A 149 -10.47 2.19 13.29
N VAL A 150 -10.60 1.40 14.34
CA VAL A 150 -11.75 0.49 14.43
C VAL A 150 -13.05 1.28 14.34
N GLU A 151 -13.13 2.37 15.10
CA GLU A 151 -14.33 3.20 15.11
C GLU A 151 -14.60 3.79 13.74
N LYS A 152 -13.55 4.31 13.10
CA LYS A 152 -13.73 4.92 11.79
C LYS A 152 -14.06 3.89 10.71
N ALA A 153 -13.45 2.70 10.79
CA ALA A 153 -13.71 1.65 9.83
C ALA A 153 -15.15 1.19 9.96
N LYS A 154 -15.62 1.06 11.19
CA LYS A 154 -16.99 0.62 11.43
C LYS A 154 -17.95 1.64 10.85
N GLU A 155 -17.69 2.92 11.11
CA GLU A 155 -18.56 4.01 10.65
C GLU A 155 -18.57 4.14 9.13
N ALA A 156 -17.44 3.86 8.50
CA ALA A 156 -17.32 3.96 7.04
C ALA A 156 -18.03 2.81 6.32
N GLY A 157 -18.37 1.75 7.06
CA GLY A 157 -19.06 0.61 6.49
C GLY A 157 -18.16 -0.58 6.16
N CYS A 158 -16.96 -0.61 6.74
CA CYS A 158 -16.06 -1.73 6.49
C CYS A 158 -16.65 -3.01 7.05
N HIS A 159 -16.44 -4.10 6.33
N HIS A 159 -16.36 -4.12 6.38
CA HIS A 159 -16.94 -5.39 6.76
CA HIS A 159 -16.94 -5.41 6.73
C HIS A 159 -16.15 -5.89 7.95
C HIS A 159 -16.05 -6.22 7.67
N GLY A 160 -14.84 -5.73 7.89
CA GLY A 160 -13.95 -6.38 8.83
C GLY A 160 -12.67 -5.64 9.11
N LEU A 161 -11.81 -6.28 9.89
CA LEU A 161 -10.56 -5.71 10.36
C LEU A 161 -9.43 -6.73 10.22
N ILE A 162 -8.21 -6.24 10.05
CA ILE A 162 -7.00 -7.04 10.21
C ILE A 162 -6.38 -6.58 11.53
N ALA A 163 -6.05 -7.53 12.40
CA ALA A 163 -5.53 -7.21 13.74
C ALA A 163 -4.52 -8.27 14.14
N PRO A 164 -3.52 -7.91 14.97
CA PRO A 164 -2.34 -8.77 15.11
C PRO A 164 -2.41 -9.84 16.18
N SER A 165 -1.97 -11.05 15.82
CA SER A 165 -1.84 -12.14 16.78
C SER A 165 -0.59 -11.98 17.65
N THR A 166 0.27 -11.04 17.29
CA THR A 166 1.53 -10.83 18.00
C THR A 166 1.38 -9.94 19.23
N ARG A 167 0.22 -9.31 19.38
CA ARG A 167 -0.05 -8.46 20.55
C ARG A 167 -1.45 -8.79 21.05
N ILE A 168 -1.51 -9.85 21.86
N ILE A 168 -1.55 -9.83 21.86
CA ILE A 168 -2.77 -10.50 22.24
CA ILE A 168 -2.85 -10.42 22.21
C ILE A 168 -3.66 -9.63 23.12
C ILE A 168 -3.69 -9.43 22.98
N GLU A 169 -3.05 -8.77 23.95
CA GLU A 169 -3.79 -7.88 24.83
C GLU A 169 -4.47 -6.81 23.98
N ARG A 170 -3.76 -6.32 22.98
CA ARG A 170 -4.30 -5.36 22.05
C ARG A 170 -5.38 -5.97 21.13
N LEU A 171 -5.18 -7.20 20.71
CA LEU A 171 -6.20 -7.88 19.92
C LEU A 171 -7.51 -7.96 20.72
N ARG A 172 -7.40 -8.23 22.02
N ARG A 172 -7.41 -8.25 22.01
CA ARG A 172 -8.57 -8.32 22.90
CA ARG A 172 -8.58 -8.31 22.89
C ARG A 172 -9.30 -6.99 23.00
C ARG A 172 -9.32 -6.98 22.86
N GLU A 173 -8.55 -5.89 22.97
CA GLU A 173 -9.15 -4.56 22.97
C GLU A 173 -9.82 -4.25 21.64
N ILE A 174 -9.18 -4.67 20.56
CA ILE A 174 -9.72 -4.45 19.23
C ILE A 174 -11.04 -5.19 19.05
N ARG A 175 -11.10 -6.44 19.51
CA ARG A 175 -12.35 -7.20 19.43
C ARG A 175 -13.47 -6.51 20.21
N LYS A 176 -13.16 -6.05 21.41
CA LYS A 176 -14.15 -5.32 22.19
C LYS A 176 -14.66 -4.06 21.49
N ALA A 177 -13.76 -3.32 20.85
CA ALA A 177 -14.16 -2.13 20.11
C ALA A 177 -14.92 -2.48 18.83
N ALA A 178 -14.63 -3.64 18.27
CA ALA A 178 -15.16 -4.03 16.97
C ALA A 178 -16.59 -4.56 17.04
N GLY A 179 -17.04 -4.94 18.23
CA GLY A 179 -18.27 -5.69 18.37
C GLY A 179 -18.16 -6.97 17.54
N ASP A 180 -19.07 -7.16 16.59
CA ASP A 180 -19.08 -8.40 15.81
C ASP A 180 -18.52 -8.26 14.40
N MET A 181 -17.78 -7.19 14.12
CA MET A 181 -17.07 -7.10 12.84
C MET A 181 -16.15 -8.31 12.67
N GLU A 182 -16.03 -8.78 11.44
CA GLU A 182 -15.13 -9.89 11.18
C GLU A 182 -13.67 -9.45 11.41
N ILE A 183 -12.88 -10.27 12.11
CA ILE A 183 -11.47 -9.96 12.32
C ILE A 183 -10.59 -11.09 11.83
N LEU A 184 -9.63 -10.73 10.98
CA LEU A 184 -8.65 -11.68 10.47
C LEU A 184 -7.30 -11.35 11.10
N CYS A 185 -6.60 -12.37 11.56
N CYS A 185 -6.54 -12.39 11.37
CA CYS A 185 -5.36 -12.17 12.31
CA CYS A 185 -5.41 -12.27 12.26
C CYS A 185 -4.18 -12.89 11.70
C CYS A 185 -4.14 -12.93 11.74
N PRO A 186 -3.20 -12.13 11.23
CA PRO A 186 -1.92 -12.71 10.79
C PRO A 186 -0.91 -12.76 11.94
N GLY A 187 0.24 -13.35 11.69
CA GLY A 187 1.32 -13.38 12.66
C GLY A 187 1.65 -14.72 13.28
N ILE A 188 0.77 -15.70 13.11
N ILE A 188 0.79 -15.71 13.12
CA ILE A 188 1.02 -17.06 13.59
CA ILE A 188 1.07 -17.03 13.66
C ILE A 188 2.10 -17.71 12.72
C ILE A 188 2.03 -17.79 12.75
N GLY A 189 3.02 -18.44 13.36
CA GLY A 189 4.06 -19.14 12.63
C GLY A 189 5.33 -18.33 12.60
N ALA A 190 5.66 -17.79 11.42
CA ALA A 190 6.94 -17.10 11.26
C ALA A 190 7.13 -15.93 12.23
N GLN A 191 6.06 -15.18 12.48
CA GLN A 191 6.16 -14.02 13.36
C GLN A 191 5.92 -14.32 14.84
N LYS A 192 5.70 -15.59 15.15
CA LYS A 192 5.58 -16.07 16.53
C LYS A 192 4.41 -15.45 17.29
N GLY A 193 3.33 -15.17 16.58
CA GLY A 193 2.09 -14.73 17.19
C GLY A 193 1.49 -15.82 18.05
N SER A 194 0.59 -15.44 18.93
CA SER A 194 0.03 -16.41 19.86
C SER A 194 -1.21 -17.10 19.33
N ILE A 195 -1.26 -18.41 19.51
CA ILE A 195 -2.43 -19.18 19.08
C ILE A 195 -3.67 -18.83 19.90
N GLU A 196 -3.49 -18.12 21.00
CA GLU A 196 -4.64 -17.62 21.76
C GLU A 196 -5.43 -16.58 20.97
N ALA A 197 -4.88 -16.11 19.85
CA ALA A 197 -5.59 -15.18 18.98
C ALA A 197 -6.90 -15.77 18.45
N VAL A 198 -6.95 -17.09 18.38
CA VAL A 198 -8.14 -17.79 17.88
C VAL A 198 -9.40 -17.39 18.65
N LYS A 199 -9.23 -17.13 19.95
CA LYS A 199 -10.32 -16.73 20.84
C LYS A 199 -11.03 -15.46 20.38
N TYR A 200 -10.29 -14.59 19.70
CA TYR A 200 -10.81 -13.28 19.31
C TYR A 200 -11.00 -13.15 17.82
N ALA A 201 -10.38 -14.04 17.05
CA ALA A 201 -10.38 -13.92 15.60
C ALA A 201 -11.50 -14.72 14.97
N ASP A 202 -11.88 -14.31 13.76
CA ASP A 202 -12.81 -15.10 12.97
C ASP A 202 -12.03 -15.90 11.93
N GLY A 203 -10.84 -15.42 11.59
CA GLY A 203 -9.97 -16.10 10.64
C GLY A 203 -8.52 -15.90 11.03
N ILE A 204 -7.72 -16.95 10.81
CA ILE A 204 -6.29 -16.92 11.09
C ILE A 204 -5.54 -16.97 9.78
N ILE A 205 -4.65 -16.01 9.57
CA ILE A 205 -3.87 -15.94 8.33
C ILE A 205 -2.49 -16.52 8.58
N VAL A 206 -2.05 -17.44 7.72
CA VAL A 206 -0.71 -18.02 7.81
C VAL A 206 -0.09 -18.09 6.42
N GLY A 207 1.12 -17.55 6.31
CA GLY A 207 1.88 -17.59 5.07
C GLY A 207 2.99 -18.63 5.14
N ARG A 208 4.17 -18.19 5.56
CA ARG A 208 5.35 -19.05 5.63
C ARG A 208 5.13 -20.38 6.37
N GLY A 209 4.35 -20.34 7.45
CA GLY A 209 4.07 -21.55 8.21
C GLY A 209 3.42 -22.65 7.39
N ILE A 210 2.78 -22.26 6.29
CA ILE A 210 2.26 -23.23 5.34
C ILE A 210 3.15 -23.40 4.10
N TYR A 211 3.38 -22.33 3.35
CA TYR A 211 4.08 -22.50 2.06
C TYR A 211 5.59 -22.72 2.17
N ALA A 212 6.24 -22.19 3.21
CA ALA A 212 7.68 -22.34 3.33
C ALA A 212 8.00 -23.58 4.15
N SER A 213 7.70 -24.74 3.56
CA SER A 213 7.86 -26.02 4.23
C SER A 213 8.04 -27.10 3.21
N GLY A 214 8.39 -28.28 3.68
CA GLY A 214 8.56 -29.44 2.82
C GLY A 214 7.23 -29.99 2.37
N ASN A 215 6.20 -29.83 3.20
CA ASN A 215 4.88 -30.42 2.93
C ASN A 215 3.76 -29.47 3.34
N PRO A 216 3.43 -28.51 2.49
CA PRO A 216 2.43 -27.49 2.87
C PRO A 216 1.07 -28.06 3.30
N ALA A 217 0.60 -29.12 2.62
CA ALA A 217 -0.71 -29.67 2.96
C ALA A 217 -0.68 -30.20 4.39
N GLU A 218 0.40 -30.91 4.72
CA GLU A 218 0.55 -31.42 6.07
C GLU A 218 0.64 -30.31 7.10
N GLU A 219 1.37 -29.24 6.78
CA GLU A 219 1.45 -28.10 7.70
C GLU A 219 0.09 -27.44 7.91
N ALA A 220 -0.68 -27.28 6.84
CA ALA A 220 -2.02 -26.68 6.95
C ALA A 220 -2.94 -27.58 7.79
N ARG A 221 -2.88 -28.88 7.53
CA ARG A 221 -3.67 -29.84 8.29
C ARG A 221 -3.35 -29.73 9.78
N LYS A 222 -2.05 -29.70 10.10
CA LYS A 222 -1.65 -29.68 11.51
C LYS A 222 -1.98 -28.35 12.18
N LEU A 223 -1.90 -27.26 11.43
CA LEU A 223 -2.27 -25.95 11.95
C LEU A 223 -3.72 -25.91 12.41
N ARG A 224 -4.63 -26.50 11.62
CA ARG A 224 -6.03 -26.52 12.03
C ARG A 224 -6.20 -27.21 13.39
N ARG A 225 -5.51 -28.33 13.58
CA ARG A 225 -5.60 -29.03 14.86
C ARG A 225 -5.04 -28.21 16.03
N VAL A 226 -3.88 -27.60 15.82
CA VAL A 226 -3.24 -26.80 16.86
C VAL A 226 -4.09 -25.59 17.24
N LEU A 227 -4.71 -24.96 16.25
CA LEU A 227 -5.55 -23.79 16.48
C LEU A 227 -6.94 -24.19 16.98
N LYS A 228 -7.23 -25.49 16.90
CA LYS A 228 -8.55 -26.01 17.24
C LYS A 228 -9.66 -25.35 16.40
N ILE A 229 -9.45 -25.30 15.10
CA ILE A 229 -10.44 -24.75 14.18
C ILE A 229 -10.75 -25.71 13.04
N GLY B 18 13.23 26.59 -2.88
CA GLY B 18 14.66 26.81 -3.00
C GLY B 18 15.01 27.62 -4.24
N SER B 19 16.27 28.00 -4.35
CA SER B 19 16.75 28.78 -5.48
C SER B 19 17.11 27.89 -6.68
N HIS B 20 17.23 26.59 -6.43
CA HIS B 20 17.76 25.66 -7.42
C HIS B 20 16.71 25.14 -8.40
N MET B 21 17.17 24.50 -9.46
CA MET B 21 16.27 23.89 -10.43
C MET B 21 15.37 22.86 -9.77
N LYS B 22 14.09 22.91 -10.12
CA LYS B 22 13.08 22.03 -9.56
C LYS B 22 12.51 21.13 -10.66
N GLN B 23 11.92 20.01 -10.26
CA GLN B 23 11.35 19.07 -11.22
C GLN B 23 9.84 19.12 -11.33
N LEU B 24 9.36 18.79 -12.53
CA LEU B 24 7.95 18.51 -12.75
C LEU B 24 7.88 17.01 -13.01
N ILE B 25 7.06 16.35 -12.21
CA ILE B 25 6.95 14.90 -12.21
C ILE B 25 5.53 14.49 -12.62
N LEU B 26 5.42 13.73 -13.70
CA LEU B 26 4.13 13.28 -14.20
C LEU B 26 3.64 12.07 -13.42
N ALA B 27 2.46 12.18 -12.79
CA ALA B 27 1.82 11.01 -12.19
C ALA B 27 0.97 10.37 -13.28
N LEU B 28 1.49 9.30 -13.86
CA LEU B 28 0.88 8.70 -15.05
C LEU B 28 -0.17 7.67 -14.65
N ASP B 29 -1.30 8.16 -14.13
CA ASP B 29 -2.34 7.32 -13.59
C ASP B 29 -3.42 7.02 -14.63
N VAL B 30 -3.01 6.32 -15.69
CA VAL B 30 -3.91 5.77 -16.66
C VAL B 30 -3.87 4.26 -16.54
N MET B 31 -4.76 3.56 -17.22
CA MET B 31 -4.87 2.11 -17.02
C MET B 31 -4.75 1.32 -18.30
N ASP B 32 -3.89 1.82 -19.18
CA ASP B 32 -3.56 1.14 -20.41
C ASP B 32 -2.10 1.47 -20.71
N GLY B 33 -1.31 0.44 -20.95
CA GLY B 33 0.12 0.65 -21.10
C GLY B 33 0.51 1.41 -22.35
N GLU B 34 -0.22 1.17 -23.44
CA GLU B 34 0.09 1.85 -24.68
C GLU B 34 -0.31 3.33 -24.58
N LYS B 35 -1.42 3.59 -23.90
CA LYS B 35 -1.82 4.97 -23.61
C LYS B 35 -0.78 5.66 -22.73
N ALA B 36 -0.28 4.95 -21.73
CA ALA B 36 0.77 5.49 -20.85
C ALA B 36 2.01 5.88 -21.66
N MET B 37 2.44 4.99 -22.54
CA MET B 37 3.60 5.29 -23.38
C MET B 37 3.36 6.51 -24.26
N GLU B 38 2.15 6.60 -24.83
CA GLU B 38 1.79 7.73 -25.67
C GLU B 38 1.91 9.05 -24.91
N ILE B 39 1.30 9.10 -23.73
CA ILE B 39 1.30 10.31 -22.92
C ILE B 39 2.72 10.69 -22.51
N ALA B 40 3.50 9.72 -22.05
CA ALA B 40 4.87 9.97 -21.61
C ALA B 40 5.70 10.55 -22.74
N LYS B 41 5.55 9.98 -23.93
CA LYS B 41 6.32 10.47 -25.06
C LYS B 41 5.95 11.89 -25.45
N LYS B 42 4.66 12.21 -25.44
CA LYS B 42 4.30 13.54 -25.89
C LYS B 42 4.59 14.65 -24.88
N VAL B 43 4.64 14.33 -23.59
CA VAL B 43 4.96 15.35 -22.58
C VAL B 43 6.44 15.36 -22.17
N ALA B 44 7.24 14.47 -22.77
CA ALA B 44 8.61 14.24 -22.32
C ALA B 44 9.50 15.50 -22.24
N GLU B 45 9.31 16.44 -23.16
CA GLU B 45 10.09 17.67 -23.17
C GLU B 45 9.92 18.48 -21.88
N HIS B 46 8.78 18.30 -21.22
CA HIS B 46 8.39 19.17 -20.12
C HIS B 46 8.44 18.53 -18.75
N VAL B 47 8.73 17.24 -18.70
CA VAL B 47 8.71 16.54 -17.42
C VAL B 47 10.04 15.84 -17.16
N ASP B 48 10.42 15.77 -15.88
CA ASP B 48 11.72 15.24 -15.48
C ASP B 48 11.71 13.77 -15.07
N ARG B 49 10.60 13.31 -14.50
CA ARG B 49 10.47 11.91 -14.09
C ARG B 49 9.02 11.53 -14.22
N ILE B 50 8.77 10.22 -14.25
CA ILE B 50 7.43 9.68 -14.38
C ILE B 50 7.14 8.85 -13.15
N LYS B 51 6.07 9.20 -12.45
CA LYS B 51 5.63 8.42 -11.30
C LYS B 51 4.54 7.43 -11.72
N VAL B 52 4.76 6.15 -11.43
CA VAL B 52 3.81 5.11 -11.78
C VAL B 52 3.27 4.48 -10.50
N ASN B 53 1.96 4.28 -10.47
CA ASN B 53 1.28 3.76 -9.28
C ASN B 53 0.59 2.46 -9.69
N TYR B 54 -0.10 1.84 -8.76
CA TYR B 54 -0.71 0.55 -9.01
C TYR B 54 -1.81 0.48 -10.09
N PRO B 55 -2.64 1.55 -10.26
CA PRO B 55 -3.61 1.42 -11.37
C PRO B 55 -2.93 1.10 -12.71
N LEU B 56 -1.83 1.76 -13.02
CA LEU B 56 -1.13 1.46 -14.26
C LEU B 56 -0.42 0.10 -14.20
N VAL B 57 0.32 -0.16 -13.12
CA VAL B 57 1.07 -1.40 -13.03
C VAL B 57 0.18 -2.66 -13.02
N LEU B 58 -0.96 -2.58 -12.33
CA LEU B 58 -1.88 -3.71 -12.30
C LEU B 58 -2.53 -3.91 -13.67
N SER B 59 -2.74 -2.82 -14.40
CA SER B 59 -3.43 -2.89 -15.69
C SER B 59 -2.49 -3.36 -16.80
N ALA B 60 -1.26 -2.84 -16.80
CA ALA B 60 -0.34 -3.06 -17.91
C ALA B 60 0.74 -4.08 -17.59
N GLY B 61 0.85 -4.47 -16.32
CA GLY B 61 1.95 -5.32 -15.89
C GLY B 61 3.11 -4.49 -15.38
N VAL B 62 3.87 -5.04 -14.44
CA VAL B 62 4.97 -4.30 -13.81
C VAL B 62 6.05 -3.94 -14.84
N GLY B 63 6.10 -4.70 -15.94
CA GLY B 63 7.03 -4.46 -17.03
C GLY B 63 6.87 -3.12 -17.71
N ILE B 64 5.73 -2.46 -17.52
CA ILE B 64 5.52 -1.13 -18.08
C ILE B 64 6.57 -0.14 -17.57
N MET B 65 7.10 -0.40 -16.38
CA MET B 65 8.10 0.51 -15.82
C MET B 65 9.40 0.47 -16.60
N LYS B 66 9.76 -0.70 -17.12
N LYS B 66 9.76 -0.70 -17.12
CA LYS B 66 10.95 -0.82 -17.97
CA LYS B 66 10.95 -0.82 -17.96
C LYS B 66 10.77 -0.04 -19.26
C LYS B 66 10.75 0.00 -19.24
N ARG B 67 9.59 -0.14 -19.87
CA ARG B 67 9.29 0.60 -21.10
C ARG B 67 9.30 2.12 -20.85
N LEU B 68 8.68 2.57 -19.76
CA LEU B 68 8.62 4.00 -19.48
C LEU B 68 9.99 4.57 -19.12
N SER B 69 10.84 3.75 -18.52
CA SER B 69 12.16 4.18 -18.06
C SER B 69 13.07 4.59 -19.21
N GLU B 70 12.76 4.17 -20.43
CA GLU B 70 13.51 4.61 -21.60
C GLU B 70 13.13 6.03 -22.01
N ILE B 71 12.07 6.55 -21.42
CA ILE B 71 11.64 7.92 -21.69
C ILE B 71 12.14 8.86 -20.60
N LYS B 72 11.83 8.54 -19.35
CA LYS B 72 12.30 9.32 -18.20
C LYS B 72 12.46 8.34 -17.05
N PRO B 73 13.25 8.72 -16.03
CA PRO B 73 13.36 7.82 -14.87
C PRO B 73 12.02 7.65 -14.17
N VAL B 74 11.80 6.44 -13.66
CA VAL B 74 10.50 6.05 -13.12
C VAL B 74 10.51 5.88 -11.61
N ILE B 75 9.58 6.55 -10.95
CA ILE B 75 9.34 6.39 -9.51
C ILE B 75 8.21 5.38 -9.34
N ALA B 76 8.49 4.28 -8.62
CA ALA B 76 7.48 3.27 -8.36
C ALA B 76 6.70 3.69 -7.13
N ASP B 77 5.57 4.32 -7.36
CA ASP B 77 4.73 4.78 -6.28
C ASP B 77 3.82 3.65 -5.83
N PHE B 78 4.39 2.78 -5.00
CA PHE B 78 3.70 1.59 -4.54
C PHE B 78 3.20 1.75 -3.10
N LYS B 79 3.37 2.94 -2.50
CA LYS B 79 2.88 3.20 -1.15
C LYS B 79 3.13 2.01 -0.24
N ILE B 80 4.36 1.51 -0.26
CA ILE B 80 4.67 0.27 0.44
C ILE B 80 4.28 0.40 1.92
N ALA B 81 3.43 -0.51 2.38
CA ALA B 81 2.79 -0.32 3.68
C ALA B 81 2.49 -1.67 4.33
N ASP B 82 3.51 -2.50 4.43
CA ASP B 82 3.32 -3.84 4.97
C ASP B 82 4.42 -4.13 5.98
N VAL B 83 4.38 -5.33 6.54
CA VAL B 83 5.44 -5.81 7.41
C VAL B 83 6.73 -5.91 6.58
N PRO B 84 7.89 -5.93 7.25
CA PRO B 84 9.14 -5.92 6.49
C PRO B 84 9.27 -7.04 5.46
N TYR B 85 8.86 -8.26 5.80
CA TYR B 85 9.02 -9.38 4.88
C TYR B 85 8.39 -9.14 3.50
N THR B 86 7.11 -8.78 3.52
N THR B 86 7.10 -8.80 3.48
CA THR B 86 6.38 -8.51 2.28
CA THR B 86 6.46 -8.57 2.19
C THR B 86 6.89 -7.25 1.60
C THR B 86 6.85 -7.22 1.57
N SER B 87 7.11 -6.21 2.40
CA SER B 87 7.59 -4.93 1.89
C SER B 87 8.91 -5.09 1.14
N SER B 88 9.80 -5.93 1.66
CA SER B 88 11.08 -6.20 1.03
C SER B 88 10.89 -6.74 -0.38
N LEU B 89 9.97 -7.70 -0.51
CA LEU B 89 9.70 -8.33 -1.80
C LEU B 89 9.14 -7.32 -2.81
N ILE B 90 8.21 -6.47 -2.36
CA ILE B 90 7.63 -5.45 -3.22
C ILE B 90 8.70 -4.48 -3.72
N ALA B 91 9.55 -4.01 -2.81
CA ALA B 91 10.62 -3.09 -3.21
C ALA B 91 11.55 -3.74 -4.23
N ARG B 92 11.91 -5.00 -3.97
CA ARG B 92 12.81 -5.72 -4.87
C ARG B 92 12.21 -5.84 -6.28
N ILE B 93 10.92 -6.17 -6.35
CA ILE B 93 10.28 -6.31 -7.65
C ILE B 93 10.28 -4.97 -8.39
N ALA B 94 10.04 -3.89 -7.66
CA ALA B 94 10.07 -2.56 -8.27
C ALA B 94 11.43 -2.26 -8.92
N PHE B 95 12.51 -2.50 -8.17
CA PHE B 95 13.85 -2.22 -8.67
C PHE B 95 14.27 -3.19 -9.77
N GLU B 96 13.83 -4.45 -9.68
CA GLU B 96 14.07 -5.40 -10.76
C GLU B 96 13.42 -4.95 -12.06
N ASN B 97 12.37 -4.14 -11.95
CA ASN B 97 11.66 -3.63 -13.12
C ASN B 97 12.01 -2.19 -13.48
N SER B 98 13.25 -1.83 -13.16
CA SER B 98 13.90 -0.60 -13.64
C SER B 98 13.48 0.70 -12.98
N ALA B 99 12.74 0.63 -11.89
CA ALA B 99 12.41 1.85 -11.14
C ALA B 99 13.69 2.46 -10.58
N GLU B 100 13.75 3.80 -10.61
CA GLU B 100 14.88 4.51 -10.02
C GLU B 100 14.68 4.73 -8.52
N SER B 101 13.42 4.59 -8.09
CA SER B 101 13.06 4.88 -6.73
C SER B 101 11.74 4.22 -6.40
N VAL B 102 11.45 4.12 -5.11
N VAL B 102 11.43 4.12 -5.11
CA VAL B 102 10.18 3.61 -4.63
CA VAL B 102 10.16 3.56 -4.65
C VAL B 102 9.63 4.53 -3.54
C VAL B 102 9.63 4.39 -3.48
N ILE B 103 8.31 4.47 -3.37
CA ILE B 103 7.65 5.22 -2.31
C ILE B 103 7.12 4.25 -1.24
N VAL B 104 7.40 4.59 0.01
CA VAL B 104 7.03 3.77 1.17
C VAL B 104 6.29 4.66 2.17
N HIS B 105 5.33 4.11 2.91
CA HIS B 105 4.71 4.84 4.01
C HIS B 105 5.56 4.81 5.27
N GLY B 106 5.85 5.98 5.83
CA GLY B 106 6.52 6.03 7.12
C GLY B 106 5.67 5.51 8.28
N PHE B 107 4.35 5.59 8.15
N PHE B 107 4.36 5.59 8.12
CA PHE B 107 3.48 5.24 9.27
CA PHE B 107 3.44 5.25 9.18
C PHE B 107 3.57 3.78 9.68
C PHE B 107 3.57 3.81 9.66
N VAL B 108 4.05 2.92 8.79
CA VAL B 108 4.12 1.49 9.12
C VAL B 108 5.35 1.12 9.95
N GLY B 109 6.26 2.06 10.13
CA GLY B 109 7.32 1.85 11.10
C GLY B 109 8.71 1.73 10.55
N SER B 110 9.67 1.93 11.45
N SER B 110 9.68 1.94 11.44
CA SER B 110 11.08 2.01 11.08
CA SER B 110 11.08 2.03 11.02
C SER B 110 11.63 0.72 10.49
C SER B 110 11.69 0.72 10.53
N ASP B 111 11.14 -0.43 10.94
CA ASP B 111 11.64 -1.71 10.44
C ASP B 111 11.40 -1.85 8.93
N THR B 112 10.20 -1.49 8.50
CA THR B 112 9.90 -1.52 7.07
C THR B 112 10.70 -0.46 6.31
N LEU B 113 10.80 0.75 6.89
CA LEU B 113 11.62 1.80 6.26
C LEU B 113 13.06 1.32 6.04
N ARG B 114 13.67 0.76 7.07
CA ARG B 114 15.05 0.30 6.98
C ARG B 114 15.18 -0.80 5.94
N GLU B 115 14.22 -1.72 5.90
CA GLU B 115 14.35 -2.85 4.98
C GLU B 115 14.20 -2.41 3.52
N VAL B 116 13.27 -1.49 3.27
CA VAL B 116 13.10 -0.98 1.91
C VAL B 116 14.35 -0.21 1.45
N CYS B 117 14.92 0.56 2.36
CA CYS B 117 16.19 1.27 2.09
C CYS B 117 17.32 0.31 1.82
N ARG B 118 17.38 -0.78 2.57
CA ARG B 118 18.40 -1.80 2.34
C ARG B 118 18.29 -2.41 0.95
N VAL B 119 17.09 -2.81 0.55
CA VAL B 119 16.87 -3.35 -0.79
C VAL B 119 17.27 -2.31 -1.86
N ALA B 120 16.85 -1.07 -1.67
CA ALA B 120 17.17 0.01 -2.61
C ALA B 120 18.67 0.15 -2.83
N GLU B 121 19.44 0.01 -1.75
CA GLU B 121 20.88 0.22 -1.85
C GLU B 121 21.52 -0.81 -2.77
N GLU B 122 20.95 -2.02 -2.82
CA GLU B 122 21.45 -3.07 -3.70
C GLU B 122 21.37 -2.65 -5.15
N PHE B 123 20.42 -1.78 -5.46
CA PHE B 123 20.15 -1.36 -6.83
C PHE B 123 20.61 0.08 -7.12
N GLY B 124 21.16 0.74 -6.11
CA GLY B 124 21.49 2.15 -6.27
C GLY B 124 20.24 3.00 -6.39
N GLY B 125 19.14 2.51 -5.84
CA GLY B 125 17.87 3.22 -5.92
C GLY B 125 17.63 4.14 -4.75
N LYS B 126 16.56 4.93 -4.86
CA LYS B 126 16.18 5.88 -3.82
C LYS B 126 14.85 5.48 -3.19
N VAL B 127 14.65 5.89 -1.95
CA VAL B 127 13.40 5.63 -1.23
C VAL B 127 12.81 6.96 -0.73
N TYR B 128 11.54 7.18 -1.06
CA TYR B 128 10.80 8.35 -0.56
C TYR B 128 9.77 7.91 0.46
N ALA B 129 9.77 8.54 1.63
CA ALA B 129 8.80 8.24 2.66
C ALA B 129 7.64 9.22 2.66
N VAL B 130 6.42 8.70 2.66
CA VAL B 130 5.24 9.55 2.76
C VAL B 130 5.09 10.06 4.20
N THR B 131 4.93 11.37 4.34
CA THR B 131 4.70 11.99 5.64
C THR B 131 3.21 12.01 5.99
N GLU B 132 2.44 12.67 5.16
CA GLU B 132 0.98 12.70 5.31
C GLU B 132 0.39 12.92 3.94
N LEU B 133 -0.71 12.24 3.64
CA LEU B 133 -1.34 12.37 2.32
C LEU B 133 -1.99 13.74 2.16
N SER B 134 -2.01 14.18 0.90
CA SER B 134 -2.56 15.49 0.55
C SER B 134 -4.08 15.55 0.62
N SER B 135 -4.75 14.40 0.67
CA SER B 135 -6.21 14.36 0.79
C SER B 135 -6.68 14.78 2.18
N PRO B 136 -7.95 15.15 2.32
CA PRO B 136 -8.49 15.49 3.64
C PRO B 136 -8.28 14.37 4.67
N GLY B 137 -8.38 13.12 4.23
CA GLY B 137 -8.19 11.98 5.11
C GLY B 137 -6.83 11.93 5.78
N GLY B 138 -5.82 12.51 5.12
CA GLY B 138 -4.49 12.57 5.69
C GLY B 138 -4.42 13.33 7.00
N GLU B 139 -5.42 14.17 7.27
CA GLU B 139 -5.43 14.94 8.52
C GLU B 139 -5.89 14.13 9.71
N GLU B 140 -6.55 13.00 9.46
CA GLU B 140 -7.18 12.25 10.53
C GLU B 140 -6.17 11.57 11.45
N PHE B 141 -5.14 10.95 10.87
CA PHE B 141 -4.11 10.25 11.64
C PHE B 141 -2.69 10.63 11.25
N MET B 142 -2.46 10.87 9.96
CA MET B 142 -1.10 11.11 9.52
C MET B 142 -0.51 12.43 9.99
N SER B 143 -1.31 13.49 9.99
N SER B 143 -1.32 13.49 9.99
CA SER B 143 -0.81 14.81 10.38
CA SER B 143 -0.87 14.82 10.39
C SER B 143 -0.21 14.82 11.77
C SER B 143 -0.24 14.83 11.77
N ALA B 144 -0.80 14.05 12.70
CA ALA B 144 -0.32 14.03 14.08
C ALA B 144 1.08 13.43 14.23
N VAL B 145 1.46 12.56 13.31
CA VAL B 145 2.75 11.88 13.42
C VAL B 145 3.71 12.23 12.29
N SER B 146 3.29 13.15 11.44
CA SER B 146 4.06 13.50 10.25
C SER B 146 5.51 13.91 10.54
N LEU B 147 5.69 14.79 11.53
CA LEU B 147 7.05 15.24 11.85
C LEU B 147 7.90 14.14 12.45
N LYS B 148 7.29 13.25 13.24
CA LYS B 148 7.99 12.09 13.75
C LYS B 148 8.37 11.16 12.61
N ILE B 149 7.51 11.02 11.62
CA ILE B 149 7.86 10.25 10.42
C ILE B 149 9.08 10.82 9.71
N VAL B 150 9.15 12.15 9.61
CA VAL B 150 10.34 12.78 9.04
C VAL B 150 11.60 12.33 9.78
N GLU B 151 11.56 12.38 11.10
CA GLU B 151 12.67 11.96 11.94
C GLU B 151 13.04 10.49 11.67
N LYS B 152 12.04 9.62 11.65
CA LYS B 152 12.31 8.19 11.45
C LYS B 152 12.81 7.90 10.05
N ALA B 153 12.24 8.58 9.05
CA ALA B 153 12.67 8.38 7.67
C ALA B 153 14.13 8.82 7.52
N LYS B 154 14.48 9.95 8.14
CA LYS B 154 15.85 10.43 8.10
C LYS B 154 16.78 9.40 8.72
N GLU B 155 16.44 8.92 9.91
CA GLU B 155 17.28 7.95 10.63
C GLU B 155 17.42 6.63 9.88
N ALA B 156 16.37 6.21 9.18
CA ALA B 156 16.35 4.93 8.48
C ALA B 156 17.19 4.98 7.22
N GLY B 157 17.53 6.19 6.78
CA GLY B 157 18.29 6.38 5.56
C GLY B 157 17.49 6.66 4.30
N CYS B 158 16.23 7.09 4.43
CA CYS B 158 15.45 7.43 3.27
C CYS B 158 16.08 8.60 2.54
N HIS B 159 15.92 8.60 1.22
CA HIS B 159 16.52 9.62 0.37
C HIS B 159 15.65 10.84 0.16
N GLY B 160 14.39 10.75 0.54
CA GLY B 160 13.49 11.87 0.40
C GLY B 160 12.13 11.64 1.04
N LEU B 161 11.25 12.61 0.83
CA LEU B 161 9.94 12.64 1.45
C LEU B 161 8.87 13.01 0.43
N ILE B 162 7.65 12.52 0.66
CA ILE B 162 6.46 13.02 -0.02
C ILE B 162 5.70 13.87 0.99
N ALA B 163 5.38 15.11 0.61
CA ALA B 163 4.68 16.04 1.51
C ALA B 163 3.68 16.88 0.70
N PRO B 164 2.59 17.34 1.34
CA PRO B 164 1.44 17.83 0.57
C PRO B 164 1.43 19.34 0.24
N SER B 165 1.10 19.65 -1.02
CA SER B 165 0.91 21.03 -1.43
C SER B 165 -0.41 21.62 -0.93
N THR B 166 -1.29 20.76 -0.42
CA THR B 166 -2.60 21.19 0.05
C THR B 166 -2.58 21.75 1.46
N ARG B 167 -1.44 21.62 2.15
CA ARG B 167 -1.29 22.17 3.48
C ARG B 167 0.08 22.84 3.54
N ILE B 168 0.15 24.05 2.99
N ILE B 168 0.17 24.04 2.98
CA ILE B 168 1.42 24.74 2.80
CA ILE B 168 1.47 24.70 2.82
C ILE B 168 2.18 25.02 4.10
C ILE B 168 2.19 24.92 4.14
N GLU B 169 1.45 25.26 5.19
CA GLU B 169 2.07 25.55 6.47
C GLU B 169 2.78 24.29 7.04
N ARG B 170 2.18 23.14 6.79
CA ARG B 170 2.77 21.85 7.18
C ARG B 170 3.94 21.49 6.27
N LEU B 171 3.80 21.75 4.98
CA LEU B 171 4.92 21.57 4.06
C LEU B 171 6.16 22.37 4.49
N ARG B 172 5.96 23.62 4.90
CA ARG B 172 7.08 24.43 5.42
C ARG B 172 7.70 23.77 6.65
N GLU B 173 6.86 23.32 7.58
CA GLU B 173 7.32 22.67 8.80
C GLU B 173 8.11 21.40 8.50
N ILE B 174 7.61 20.60 7.56
CA ILE B 174 8.32 19.41 7.11
C ILE B 174 9.69 19.77 6.52
N ARG B 175 9.75 20.77 5.66
CA ARG B 175 11.03 21.23 5.10
C ARG B 175 12.00 21.64 6.21
N LYS B 176 11.51 22.36 7.21
CA LYS B 176 12.36 22.75 8.32
C LYS B 176 12.92 21.55 9.08
N ALA B 177 12.09 20.53 9.30
CA ALA B 177 12.52 19.32 9.98
C ALA B 177 13.42 18.44 9.11
N ALA B 178 13.24 18.51 7.80
CA ALA B 178 13.95 17.63 6.87
C ALA B 178 15.34 18.12 6.48
N GLY B 179 15.64 19.39 6.74
CA GLY B 179 16.89 19.96 6.26
C GLY B 179 16.88 20.06 4.74
N ASP B 180 17.84 19.40 4.09
CA ASP B 180 17.97 19.48 2.64
C ASP B 180 17.54 18.20 1.94
N MET B 181 16.91 17.32 2.71
CA MET B 181 16.28 16.11 2.18
C MET B 181 15.37 16.45 0.99
N GLU B 182 15.42 15.65 -0.05
CA GLU B 182 14.56 15.87 -1.22
C GLU B 182 13.08 15.74 -0.85
N ILE B 183 12.26 16.70 -1.26
CA ILE B 183 10.83 16.63 -1.00
C ILE B 183 10.06 16.73 -2.31
N LEU B 184 9.19 15.75 -2.57
CA LEU B 184 8.30 15.77 -3.72
C LEU B 184 6.90 16.06 -3.23
N CYS B 185 6.20 16.94 -3.95
N CYS B 185 6.14 16.77 -4.05
CA CYS B 185 4.88 17.41 -3.52
CA CYS B 185 4.94 17.40 -3.55
C CYS B 185 3.80 17.20 -4.54
C CYS B 185 3.75 17.29 -4.51
N PRO B 186 2.79 16.40 -4.18
CA PRO B 186 1.60 16.25 -5.02
C PRO B 186 0.50 17.21 -4.57
N GLY B 187 -0.58 17.27 -5.34
CA GLY B 187 -1.73 18.04 -4.94
C GLY B 187 -2.07 19.25 -5.78
N ILE B 188 -1.15 19.70 -6.61
CA ILE B 188 -1.43 20.85 -7.45
C ILE B 188 -2.31 20.39 -8.62
N GLY B 189 -3.28 21.22 -8.97
CA GLY B 189 -4.19 20.90 -10.06
C GLY B 189 -5.51 20.37 -9.52
N ALA B 190 -5.76 19.07 -9.71
CA ALA B 190 -7.06 18.50 -9.32
C ALA B 190 -7.37 18.69 -7.84
N GLN B 191 -6.38 18.57 -6.98
CA GLN B 191 -6.59 18.68 -5.54
C GLN B 191 -6.50 20.11 -5.02
N LYS B 192 -6.26 21.07 -5.92
CA LYS B 192 -6.25 22.49 -5.60
C LYS B 192 -5.18 22.90 -4.58
N GLY B 193 -4.07 22.16 -4.56
CA GLY B 193 -2.91 22.53 -3.78
C GLY B 193 -2.34 23.88 -4.19
N SER B 194 -1.55 24.48 -3.30
CA SER B 194 -1.03 25.82 -3.54
C SER B 194 0.27 25.78 -4.35
N ILE B 195 0.35 26.63 -5.37
CA ILE B 195 1.57 26.74 -6.15
C ILE B 195 2.73 27.35 -5.36
N GLU B 196 2.44 27.90 -4.19
CA GLU B 196 3.49 28.32 -3.28
C GLU B 196 4.31 27.13 -2.75
N ALA B 197 3.83 25.92 -2.97
CA ALA B 197 4.59 24.73 -2.59
C ALA B 197 6.00 24.68 -3.17
N VAL B 198 6.19 25.35 -4.31
CA VAL B 198 7.48 25.34 -4.99
C VAL B 198 8.59 25.94 -4.12
N LYS B 199 8.20 26.85 -3.23
CA LYS B 199 9.16 27.46 -2.30
C LYS B 199 9.86 26.42 -1.44
N TYR B 200 9.15 25.35 -1.15
CA TYR B 200 9.63 24.34 -0.21
C TYR B 200 9.98 23.01 -0.85
N ALA B 201 9.44 22.76 -2.05
CA ALA B 201 9.58 21.48 -2.71
C ALA B 201 10.77 21.42 -3.64
N ASP B 202 11.27 20.22 -3.88
CA ASP B 202 12.29 19.98 -4.89
C ASP B 202 11.68 19.45 -6.19
N GLY B 203 10.50 18.84 -6.08
CA GLY B 203 9.79 18.32 -7.24
C GLY B 203 8.30 18.47 -7.02
N ILE B 204 7.59 18.81 -8.09
CA ILE B 204 6.15 18.97 -8.06
C ILE B 204 5.53 17.83 -8.85
N ILE B 205 4.65 17.07 -8.21
CA ILE B 205 3.96 15.95 -8.86
C ILE B 205 2.59 16.39 -9.35
N VAL B 206 2.30 16.13 -10.63
CA VAL B 206 1.00 16.46 -11.21
C VAL B 206 0.51 15.30 -12.06
N GLY B 207 -0.72 14.87 -11.78
CA GLY B 207 -1.36 13.81 -12.55
C GLY B 207 -2.40 14.36 -13.49
N ARG B 208 -3.64 14.46 -13.00
CA ARG B 208 -4.76 14.93 -13.82
C ARG B 208 -4.51 16.27 -14.51
N GLY B 209 -3.82 17.19 -13.84
CA GLY B 209 -3.54 18.50 -14.41
C GLY B 209 -2.75 18.40 -15.70
N ILE B 210 -2.04 17.29 -15.89
CA ILE B 210 -1.39 17.02 -17.17
C ILE B 210 -2.16 16.03 -18.05
N TYR B 211 -2.41 14.81 -17.59
CA TYR B 211 -2.99 13.80 -18.49
C TYR B 211 -4.49 13.96 -18.78
N ALA B 212 -5.24 14.53 -17.84
CA ALA B 212 -6.68 14.69 -18.01
C ALA B 212 -6.98 16.06 -18.62
N SER B 213 -6.57 16.21 -19.87
CA SER B 213 -6.68 17.46 -20.59
C SER B 213 -6.74 17.17 -22.07
N GLY B 214 -7.10 18.17 -22.86
CA GLY B 214 -7.13 18.03 -24.30
C GLY B 214 -5.74 18.00 -24.91
N ASN B 215 -4.78 18.63 -24.25
CA ASN B 215 -3.44 18.75 -24.79
C ASN B 215 -2.41 18.64 -23.67
N PRO B 216 -2.07 17.39 -23.29
CA PRO B 216 -1.18 17.18 -22.14
C PRO B 216 0.18 17.88 -22.26
N ALA B 217 0.76 17.90 -23.45
CA ALA B 217 2.06 18.55 -23.64
C ALA B 217 1.99 20.05 -23.34
N GLU B 218 0.93 20.70 -23.83
CA GLU B 218 0.71 22.11 -23.57
C GLU B 218 0.48 22.37 -22.08
N GLU B 219 -0.31 21.52 -21.43
CA GLU B 219 -0.55 21.71 -20.00
C GLU B 219 0.75 21.60 -19.21
N ALA B 220 1.58 20.64 -19.58
CA ALA B 220 2.85 20.46 -18.86
C ALA B 220 3.75 21.68 -19.07
N ARG B 221 3.81 22.16 -20.31
CA ARG B 221 4.56 23.36 -20.65
C ARG B 221 4.10 24.53 -19.80
N LYS B 222 2.79 24.74 -19.74
CA LYS B 222 2.25 25.87 -19.01
C LYS B 222 2.44 25.75 -17.50
N LEU B 223 2.38 24.52 -16.98
CA LEU B 223 2.62 24.30 -15.56
C LEU B 223 4.04 24.77 -15.17
N ARG B 224 5.03 24.45 -15.98
CA ARG B 224 6.39 24.89 -15.67
C ARG B 224 6.46 26.42 -15.55
N ARG B 225 5.80 27.13 -16.47
CA ARG B 225 5.73 28.58 -16.46
C ARG B 225 5.05 29.11 -15.19
N VAL B 226 3.89 28.54 -14.87
CA VAL B 226 3.13 28.98 -13.70
C VAL B 226 3.88 28.74 -12.39
N LEU B 227 4.55 27.59 -12.31
CA LEU B 227 5.31 27.22 -11.12
C LEU B 227 6.67 27.92 -11.07
N LYS B 228 7.03 28.54 -12.20
CA LYS B 228 8.37 29.14 -12.38
C LYS B 228 9.50 28.14 -12.14
N ILE B 229 9.40 26.98 -12.80
CA ILE B 229 10.43 25.96 -12.69
C ILE B 229 10.91 25.51 -14.08
P BMP C . 3.55 -14.91 7.34
OP1 BMP C . 4.17 -14.06 8.39
OP2 BMP C . 4.54 -15.59 6.31
OP3 BMP C . 2.59 -15.98 8.01
O5' BMP C . 2.66 -14.02 6.38
C5' BMP C . 1.80 -13.01 6.89
C4' BMP C . 1.01 -12.36 5.77
O4' BMP C . 0.04 -11.46 6.34
C3' BMP C . 1.84 -11.54 4.79
O3' BMP C . 1.22 -11.55 3.50
C2' BMP C . 1.75 -10.14 5.38
O2' BMP C . 1.94 -9.09 4.43
C1' BMP C . 0.34 -10.12 5.98
N1 BMP C . 0.15 -9.28 7.17
C2 BMP C . 0.94 -9.36 8.26
O2 BMP C . 1.87 -10.16 8.32
N3 BMP C . 0.71 -8.56 9.33
C4 BMP C . -0.30 -7.66 9.35
O4 BMP C . -0.48 -6.97 10.37
C5 BMP C . -1.15 -7.57 8.24
C6 BMP C . -0.89 -8.39 7.16
O1 BMP C . -1.68 -8.36 6.09
C1 GOL D . 8.40 -8.95 10.89
O1 GOL D . 7.01 -8.78 11.01
C2 GOL D . 8.72 -9.75 9.64
O2 GOL D . 8.32 -9.09 8.48
C3 GOL D . 8.14 -11.16 9.72
O3 GOL D . 9.07 -12.02 9.11
P BMP E . -3.38 14.20 -9.24
OP1 BMP E . -4.16 14.62 -8.05
OP2 BMP E . -4.23 13.70 -10.48
OP3 BMP E . -2.43 15.40 -9.65
O5' BMP E . -2.47 12.95 -8.92
C5' BMP E . -1.71 12.89 -7.73
C4' BMP E . -0.87 11.64 -7.67
O4' BMP E . 0.00 11.70 -6.52
C3' BMP E . -1.66 10.34 -7.55
O3' BMP E . -0.91 9.30 -8.18
C2' BMP E . -1.68 10.10 -6.04
O2' BMP E . -1.81 8.74 -5.68
C1' BMP E . -0.33 10.67 -5.61
N1 BMP E . -0.29 11.24 -4.24
C2 BMP E . -1.18 12.18 -3.83
O2 BMP E . -2.05 12.61 -4.56
N3 BMP E . -1.10 12.68 -2.58
C4 BMP E . -0.13 12.26 -1.72
O4 BMP E . -0.08 12.73 -0.59
C5 BMP E . 0.81 11.29 -2.13
C6 BMP E . 0.71 10.81 -3.40
O1 BMP E . 1.58 9.92 -3.87
C1 GOL F . -9.00 13.82 -2.86
O1 GOL F . -7.69 13.72 -2.33
C2 GOL F . -9.04 13.10 -4.20
O2 GOL F . -8.49 11.82 -4.11
C3 GOL F . -8.36 13.91 -5.28
O3 GOL F . -9.23 14.03 -6.38
#